data_6HHF
#
_entry.id   6HHF
#
_cell.length_a   64.370
_cell.length_b   68.440
_cell.length_c   102.510
_cell.angle_alpha   90.00
_cell.angle_beta   90.00
_cell.angle_gamma   90.00
#
_symmetry.space_group_name_H-M   'P 21 21 21'
#
loop_
_entity.id
_entity.type
_entity.pdbx_description
1 polymer 'RAC-alpha serine/threonine-protein kinase'
2 non-polymer Borussertib
3 water water
#
_entity_poly.entity_id   1
_entity_poly.type   'polypeptide(L)'
_entity_poly.pdbx_seq_one_letter_code
;GSDVAIVKEGWLHKRGEYIKTWRPRYFLLKNDGTFIGYKERPQDVDQREAPLNNFSVAQCQLMKTERPRPNTFIIRCLQW
TTVIERTFHVETPEEREEWTTAIQTVADGLKKQAAAEMDFRSGSPSDNSGAEEMEVSLAKPKHRVTMNEFEYLKLLGKGT
FGKVILVKEKATGRYYAMKILKKEVIVAKDEVAHTLTENRVLQNSRHPFLTALKYSFQTHDRLCFVMEYANGGELFFHLS
RERVFSEDRARFYGAEIVSALDYLHSEKNVVYRDLKLENLMLDKDGHIKITDFGLCKEGIKDGATMKTFCGTPEYLAPEV
LEDNDYGRAVDWWGLGVVMYEMMCGRLPFYNQDHEKLFELILMEEIRFPRTLGPEAKSLLSGLLKKDPKQRLGGGSEDAK
EIMQHRFFAGIVWQHVYEKKLSPPFKPQVTSETDTRYFDEEFTAQM
;
_entity_poly.pdbx_strand_id   A
#
# COMPACT_ATOMS: atom_id res chain seq x y z
N ASP A 3 25.34 -0.17 -16.36
CA ASP A 3 26.02 1.13 -16.41
C ASP A 3 25.44 2.10 -15.39
N VAL A 4 25.23 1.61 -14.17
CA VAL A 4 24.71 2.43 -13.09
C VAL A 4 25.78 2.62 -12.01
N ALA A 5 26.03 3.87 -11.63
CA ALA A 5 27.07 4.19 -10.67
C ALA A 5 26.47 4.66 -9.35
N ILE A 6 27.28 4.61 -8.29
CA ILE A 6 26.87 5.09 -6.97
C ILE A 6 27.37 6.51 -6.75
N VAL A 7 26.44 7.44 -6.49
CA VAL A 7 26.81 8.83 -6.26
C VAL A 7 27.44 8.99 -4.88
N LYS A 8 26.74 8.53 -3.85
CA LYS A 8 27.33 8.49 -2.51
C LYS A 8 26.87 7.26 -1.73
N GLU A 9 27.67 6.86 -0.76
CA GLU A 9 27.40 5.68 0.04
C GLU A 9 27.91 5.88 1.47
N GLY A 10 27.11 5.49 2.46
CA GLY A 10 27.53 5.62 3.85
C GLY A 10 26.48 5.23 4.87
N TRP A 11 26.89 5.24 6.14
CA TRP A 11 26.02 4.92 7.26
C TRP A 11 25.14 6.10 7.65
N LEU A 12 23.89 5.81 7.98
CA LEU A 12 22.95 6.84 8.45
C LEU A 12 22.00 6.26 9.50
N HIS A 13 21.54 7.12 10.41
CA HIS A 13 20.50 6.73 11.35
C HIS A 13 19.13 7.00 10.74
N LYS A 14 18.36 5.94 10.53
CA LYS A 14 17.03 6.08 9.95
C LYS A 14 15.93 5.87 10.98
N ARG A 15 15.03 6.84 11.07
CA ARG A 15 13.84 6.66 11.88
C ARG A 15 12.91 5.69 11.18
N GLY A 16 12.46 4.67 11.90
CA GLY A 16 11.59 3.66 11.34
C GLY A 16 10.32 4.27 10.78
N GLU A 17 9.96 3.87 9.56
CA GLU A 17 8.78 4.39 8.90
C GLU A 17 7.50 3.95 9.60
N TYR A 18 7.57 2.83 10.32
CA TYR A 18 6.43 2.31 11.06
C TYR A 18 6.74 2.18 12.55
N ILE A 19 8.01 2.27 12.90
CA ILE A 19 8.42 2.24 14.31
C ILE A 19 9.08 3.56 14.69
N LYS A 20 8.69 4.12 15.83
CA LYS A 20 9.09 5.47 16.20
C LYS A 20 10.50 5.59 16.75
N THR A 21 11.27 4.50 16.72
CA THR A 21 12.62 4.53 17.28
C THR A 21 13.68 4.62 16.18
N TRP A 22 14.86 5.10 16.55
CA TRP A 22 15.95 5.27 15.61
C TRP A 22 16.81 4.03 15.51
N ARG A 23 17.16 3.65 14.28
CA ARG A 23 17.98 2.47 14.02
C ARG A 23 18.99 2.72 12.91
N PRO A 24 20.22 2.21 13.08
CA PRO A 24 21.28 2.38 12.07
C PRO A 24 21.09 1.49 10.85
N ARG A 25 21.14 2.10 9.67
CA ARG A 25 21.03 1.35 8.41
C ARG A 25 22.07 1.85 7.41
N TYR A 26 22.56 0.96 6.56
CA TYR A 26 23.56 1.32 5.55
C TYR A 26 22.88 1.71 4.25
N PHE A 27 23.00 2.98 3.87
CA PHE A 27 22.28 3.50 2.72
C PHE A 27 23.15 3.68 1.48
N LEU A 28 22.54 3.45 0.31
CA LEU A 28 23.24 3.53 -0.96
C LEU A 28 22.47 4.42 -1.93
N LEU A 29 23.16 5.40 -2.50
CA LEU A 29 22.55 6.30 -3.48
C LEU A 29 23.15 6.09 -4.87
N LYS A 30 22.39 5.47 -5.76
CA LYS A 30 22.86 5.20 -7.10
C LYS A 30 22.41 6.29 -8.08
N ASN A 31 23.06 6.33 -9.23
CA ASN A 31 22.83 7.38 -10.23
C ASN A 31 21.39 7.42 -10.74
N ASP A 32 20.73 6.27 -10.72
CA ASP A 32 19.35 6.17 -11.19
C ASP A 32 18.38 6.90 -10.26
N GLY A 33 18.82 7.13 -9.02
CA GLY A 33 18.01 7.80 -8.04
C GLY A 33 17.44 6.85 -7.01
N THR A 34 18.15 5.75 -6.77
CA THR A 34 17.69 4.75 -5.82
C THR A 34 18.30 4.99 -4.44
N PHE A 35 17.49 4.82 -3.40
CA PHE A 35 17.93 5.08 -2.03
C PHE A 35 17.46 3.97 -1.09
N ILE A 36 18.32 2.97 -0.88
CA ILE A 36 17.96 1.81 -0.07
C ILE A 36 18.87 1.64 1.14
N GLY A 37 18.28 1.38 2.30
CA GLY A 37 19.03 1.14 3.52
C GLY A 37 19.08 -0.32 3.89
N TYR A 38 20.17 -0.73 4.52
CA TYR A 38 20.37 -2.14 4.88
C TYR A 38 20.80 -2.28 6.34
N LYS A 39 20.38 -3.37 6.97
CA LYS A 39 20.77 -3.63 8.36
C LYS A 39 22.29 -3.76 8.47
N GLU A 40 22.89 -4.38 7.46
CA GLU A 40 24.33 -4.47 7.33
C GLU A 40 24.73 -4.28 5.87
N ARG A 41 25.98 -3.86 5.65
CA ARG A 41 26.48 -3.63 4.30
C ARG A 41 26.46 -4.90 3.45
N PRO A 42 25.74 -4.86 2.31
CA PRO A 42 25.73 -5.97 1.36
C PRO A 42 26.96 -5.99 0.46
N PRO A 51 14.71 -3.13 -8.60
CA PRO A 51 14.65 -1.95 -7.74
C PRO A 51 13.28 -1.27 -7.80
N LEU A 52 12.44 -1.55 -6.80
CA LEU A 52 11.11 -0.98 -6.72
C LEU A 52 11.14 0.54 -6.68
N ASN A 53 10.15 1.17 -7.32
CA ASN A 53 10.08 2.63 -7.40
C ASN A 53 9.81 3.30 -6.06
N ASN A 54 9.47 2.49 -5.05
CA ASN A 54 9.25 2.99 -3.70
C ASN A 54 10.51 3.66 -3.13
N PHE A 55 11.67 3.15 -3.52
CA PHE A 55 12.93 3.65 -3.00
C PHE A 55 13.51 4.75 -3.88
N SER A 56 12.72 5.25 -4.82
CA SER A 56 13.16 6.29 -5.73
C SER A 56 13.24 7.64 -5.00
N VAL A 57 14.28 8.40 -5.30
CA VAL A 57 14.42 9.73 -4.72
C VAL A 57 14.08 10.78 -5.79
N ALA A 58 13.49 10.30 -6.88
CA ALA A 58 13.07 11.16 -7.99
C ALA A 58 11.94 12.09 -7.58
N GLN A 59 12.18 13.38 -7.76
CA GLN A 59 11.21 14.44 -7.45
C GLN A 59 10.78 14.39 -5.99
N CYS A 60 11.74 14.57 -5.10
CA CYS A 60 11.49 14.57 -3.67
C CYS A 60 11.98 15.86 -3.03
N GLN A 61 11.33 16.27 -1.94
CA GLN A 61 11.75 17.47 -1.21
C GLN A 61 12.74 17.11 -0.11
N LEU A 62 13.60 18.07 0.22
CA LEU A 62 14.60 17.87 1.27
C LEU A 62 14.47 18.90 2.37
N MET A 63 14.14 18.43 3.58
CA MET A 63 13.96 19.32 4.71
C MET A 63 15.17 19.24 5.64
N LYS A 64 15.48 20.35 6.29
CA LYS A 64 16.55 20.37 7.29
C LYS A 64 16.00 20.87 8.62
N THR A 65 15.71 19.95 9.52
CA THR A 65 15.15 20.28 10.82
C THR A 65 16.14 20.01 11.94
N GLU A 66 15.90 20.62 13.09
CA GLU A 66 16.75 20.38 14.25
C GLU A 66 15.94 19.73 15.37
N ARG A 67 14.67 19.50 15.11
CA ARG A 67 13.77 18.89 16.09
C ARG A 67 13.12 17.63 15.53
N PRO A 68 13.05 16.56 16.36
CA PRO A 68 13.55 16.52 17.74
C PRO A 68 15.07 16.43 17.83
N ARG A 69 15.66 15.43 17.19
CA ARG A 69 17.12 15.31 17.17
C ARG A 69 17.72 16.32 16.19
N PRO A 70 18.75 17.05 16.64
CA PRO A 70 19.46 18.00 15.77
C PRO A 70 20.11 17.31 14.58
N ASN A 71 20.43 18.07 13.54
CA ASN A 71 21.02 17.53 12.31
C ASN A 71 20.18 16.41 11.71
N THR A 72 18.87 16.62 11.65
CA THR A 72 17.95 15.66 11.06
C THR A 72 17.43 16.20 9.73
N PHE A 73 17.40 15.35 8.71
CA PHE A 73 16.86 15.77 7.42
C PHE A 73 15.77 14.82 6.92
N ILE A 74 14.74 15.41 6.31
CA ILE A 74 13.58 14.66 5.88
C ILE A 74 13.45 14.65 4.35
N ILE A 75 13.17 13.49 3.78
CA ILE A 75 12.95 13.38 2.34
C ILE A 75 11.46 13.25 2.03
N ARG A 76 10.84 14.36 1.67
CA ARG A 76 9.41 14.38 1.37
C ARG A 76 9.14 14.00 -0.07
N CYS A 77 8.45 12.88 -0.28
CA CYS A 77 8.21 12.38 -1.63
C CYS A 77 6.72 12.25 -1.95
N LEU A 78 6.33 12.74 -3.12
CA LEU A 78 4.98 12.47 -3.64
C LEU A 78 5.01 11.25 -4.53
N GLN A 79 4.46 10.15 -4.03
CA GLN A 79 4.36 8.92 -4.81
C GLN A 79 2.92 8.70 -5.22
N TRP A 80 2.65 8.80 -6.52
CA TRP A 80 1.32 8.71 -7.09
C TRP A 80 0.41 9.79 -6.51
N THR A 81 -0.42 9.42 -5.53
CA THR A 81 -1.31 10.38 -4.90
C THR A 81 -1.10 10.44 -3.39
N THR A 82 0.06 9.97 -2.93
CA THR A 82 0.33 9.90 -1.50
C THR A 82 1.71 10.46 -1.17
N VAL A 83 1.73 11.47 -0.29
CA VAL A 83 2.97 12.09 0.15
C VAL A 83 3.63 11.25 1.24
N ILE A 84 4.90 10.91 1.06
CA ILE A 84 5.62 10.14 2.07
C ILE A 84 6.82 10.92 2.61
N GLU A 85 7.18 10.64 3.85
CA GLU A 85 8.33 11.26 4.48
C GLU A 85 9.34 10.22 4.94
N ARG A 86 10.61 10.46 4.61
CA ARG A 86 11.70 9.62 5.08
C ARG A 86 12.72 10.47 5.84
N THR A 87 12.74 10.31 7.16
CA THR A 87 13.59 11.12 8.02
C THR A 87 14.86 10.38 8.42
N PHE A 88 15.99 11.09 8.41
CA PHE A 88 17.26 10.49 8.75
C PHE A 88 18.09 11.39 9.67
N HIS A 89 18.97 10.79 10.46
CA HIS A 89 19.83 11.55 11.35
C HIS A 89 21.29 11.22 11.13
N VAL A 90 22.13 12.25 11.20
CA VAL A 90 23.58 12.08 11.14
C VAL A 90 24.20 12.95 12.23
N GLU A 91 25.38 12.56 12.70
CA GLU A 91 25.99 13.23 13.85
C GLU A 91 26.51 14.63 13.53
N THR A 92 27.44 14.72 12.57
CA THR A 92 28.01 16.00 12.20
C THR A 92 27.11 16.75 11.23
N PRO A 93 26.95 18.07 11.45
CA PRO A 93 26.11 18.91 10.59
C PRO A 93 26.64 18.98 9.16
N GLU A 94 27.94 18.74 9.00
CA GLU A 94 28.59 18.79 7.70
C GLU A 94 28.23 17.57 6.86
N GLU A 95 28.07 16.43 7.51
CA GLU A 95 27.68 15.20 6.83
C GLU A 95 26.26 15.30 6.30
N ARG A 96 25.41 16.04 7.03
CA ARG A 96 24.05 16.28 6.57
C ARG A 96 24.07 17.14 5.31
N GLU A 97 25.04 18.03 5.24
CA GLU A 97 25.22 18.89 4.06
C GLU A 97 25.77 18.09 2.88
N GLU A 98 26.63 17.12 3.17
CA GLU A 98 27.23 16.30 2.12
C GLU A 98 26.19 15.37 1.50
N TRP A 99 25.23 14.92 2.31
CA TRP A 99 24.19 14.03 1.83
C TRP A 99 23.10 14.77 1.06
N THR A 100 22.68 15.92 1.58
CA THR A 100 21.61 16.69 0.96
C THR A 100 22.02 17.24 -0.41
N THR A 101 23.24 17.74 -0.52
CA THR A 101 23.75 18.24 -1.80
C THR A 101 23.91 17.12 -2.81
N ALA A 102 24.25 15.93 -2.32
CA ALA A 102 24.38 14.76 -3.18
C ALA A 102 23.02 14.33 -3.71
N ILE A 103 22.06 14.19 -2.81
CA ILE A 103 20.71 13.76 -3.15
C ILE A 103 20.04 14.73 -4.13
N GLN A 104 20.15 16.02 -3.86
CA GLN A 104 19.53 17.05 -4.69
C GLN A 104 20.08 17.07 -6.11
N THR A 105 21.40 17.00 -6.22
CA THR A 105 22.08 16.98 -7.53
C THR A 105 21.64 15.76 -8.33
N VAL A 106 21.42 14.65 -7.63
CA VAL A 106 20.92 13.44 -8.29
C VAL A 106 19.53 13.67 -8.86
N ALA A 107 18.61 14.11 -8.01
CA ALA A 107 17.22 14.33 -8.42
C ALA A 107 17.12 15.37 -9.53
N ASP A 108 17.95 16.40 -9.45
CA ASP A 108 18.00 17.44 -10.47
C ASP A 108 18.47 16.88 -11.80
N GLY A 109 19.58 16.15 -11.76
CA GLY A 109 20.13 15.52 -12.95
C GLY A 109 19.22 14.42 -13.47
N LEU A 110 18.45 13.82 -12.56
CA LEU A 110 17.51 12.78 -12.93
C LEU A 110 16.28 13.38 -13.62
N LYS A 111 15.88 14.56 -13.15
CA LYS A 111 14.71 15.23 -13.69
C LYS A 111 14.90 15.68 -15.13
N LYS A 112 16.10 16.17 -15.44
CA LYS A 112 16.41 16.65 -16.78
C LYS A 112 16.32 15.52 -17.81
N GLN A 113 16.68 14.32 -17.40
CA GLN A 113 16.66 13.16 -18.27
C GLN A 113 15.43 12.29 -18.04
N VAL A 145 -10.23 21.12 -14.94
CA VAL A 145 -11.59 21.39 -14.47
C VAL A 145 -11.57 22.03 -13.09
N THR A 146 -12.45 23.01 -12.89
CA THR A 146 -12.56 23.71 -11.61
C THR A 146 -13.07 22.78 -10.52
N MET A 147 -13.13 23.31 -9.30
CA MET A 147 -13.63 22.55 -8.16
C MET A 147 -15.14 22.72 -8.08
N ASN A 148 -15.67 23.58 -8.94
CA ASN A 148 -17.08 23.94 -8.91
C ASN A 148 -18.02 22.82 -9.35
N GLU A 149 -17.48 21.78 -9.99
CA GLU A 149 -18.29 20.65 -10.43
C GLU A 149 -18.48 19.61 -9.34
N PHE A 150 -17.86 19.83 -8.19
CA PHE A 150 -17.88 18.83 -7.12
C PHE A 150 -18.45 19.36 -5.81
N GLU A 151 -19.65 18.91 -5.48
CA GLU A 151 -20.27 19.27 -4.20
C GLU A 151 -19.61 18.52 -3.06
N TYR A 152 -19.26 19.25 -2.00
CA TYR A 152 -18.69 18.63 -0.81
C TYR A 152 -19.76 17.87 -0.05
N LEU A 153 -19.69 16.54 -0.13
CA LEU A 153 -20.65 15.68 0.56
C LEU A 153 -20.24 15.44 2.01
N LYS A 154 -19.06 14.86 2.19
CA LYS A 154 -18.53 14.64 3.54
C LYS A 154 -17.01 14.46 3.56
N LEU A 155 -16.44 14.64 4.74
CA LEU A 155 -15.01 14.44 4.96
C LEU A 155 -14.74 12.97 5.27
N LEU A 156 -13.83 12.37 4.52
CA LEU A 156 -13.50 10.97 4.70
C LEU A 156 -12.25 10.76 5.55
N GLY A 157 -11.31 11.69 5.44
CA GLY A 157 -10.08 11.63 6.21
C GLY A 157 -9.32 12.94 6.22
N LYS A 158 -8.35 13.05 7.12
CA LYS A 158 -7.55 14.27 7.24
C LYS A 158 -6.12 13.95 7.64
N GLY A 159 -5.15 14.47 6.89
CA GLY A 159 -3.75 14.22 7.16
C GLY A 159 -2.95 15.50 7.34
N THR A 160 -1.64 15.35 7.44
CA THR A 160 -0.72 16.47 7.63
C THR A 160 -0.75 17.43 6.44
N PHE A 161 -0.69 16.88 5.24
CA PHE A 161 -0.58 17.70 4.04
C PHE A 161 -1.85 17.73 3.19
N GLY A 162 -2.95 17.25 3.76
CA GLY A 162 -4.21 17.29 3.02
C GLY A 162 -5.35 16.45 3.54
N LYS A 163 -6.47 16.54 2.83
CA LYS A 163 -7.70 15.86 3.25
C LYS A 163 -8.25 14.98 2.14
N VAL A 164 -9.21 14.14 2.49
CA VAL A 164 -9.95 13.35 1.51
C VAL A 164 -11.43 13.58 1.70
N ILE A 165 -12.08 14.09 0.65
CA ILE A 165 -13.51 14.39 0.72
C ILE A 165 -14.32 13.60 -0.30
N LEU A 166 -15.52 13.19 0.11
CA LEU A 166 -16.46 12.56 -0.79
C LEU A 166 -17.19 13.64 -1.57
N VAL A 167 -17.17 13.55 -2.89
CA VAL A 167 -17.76 14.58 -3.73
C VAL A 167 -18.70 14.02 -4.78
N LYS A 168 -19.50 14.90 -5.37
CA LYS A 168 -20.41 14.52 -6.44
C LYS A 168 -20.19 15.38 -7.67
N GLU A 169 -19.90 14.75 -8.81
CA GLU A 169 -19.73 15.47 -10.06
C GLU A 169 -21.08 15.92 -10.58
N LYS A 170 -21.35 17.23 -10.46
CA LYS A 170 -22.66 17.80 -10.76
C LYS A 170 -23.18 17.48 -12.15
N ALA A 171 -22.29 17.50 -13.13
CA ALA A 171 -22.67 17.28 -14.53
C ALA A 171 -23.12 15.86 -14.79
N THR A 172 -22.63 14.91 -13.99
CA THR A 172 -22.93 13.51 -14.19
C THR A 172 -23.58 12.87 -12.97
N GLY A 173 -23.52 13.55 -11.84
CA GLY A 173 -24.13 13.06 -10.62
C GLY A 173 -23.39 11.88 -10.03
N ARG A 174 -22.16 11.68 -10.50
CA ARG A 174 -21.36 10.54 -10.07
C ARG A 174 -20.67 10.81 -8.73
N TYR A 175 -20.23 9.74 -8.07
CA TYR A 175 -19.60 9.84 -6.75
C TYR A 175 -18.10 9.52 -6.80
N TYR A 176 -17.28 10.51 -6.46
CA TYR A 176 -15.84 10.34 -6.44
C TYR A 176 -15.23 10.75 -5.12
N ALA A 177 -14.01 10.28 -4.87
CA ALA A 177 -13.23 10.71 -3.71
C ALA A 177 -12.15 11.68 -4.17
N MET A 178 -12.01 12.79 -3.46
CA MET A 178 -11.06 13.82 -3.87
C MET A 178 -9.95 14.03 -2.85
N LYS A 179 -8.72 13.69 -3.24
CA LYS A 179 -7.54 14.00 -2.46
C LYS A 179 -7.10 15.44 -2.72
N ILE A 180 -7.16 16.29 -1.70
CA ILE A 180 -6.67 17.65 -1.81
C ILE A 180 -5.40 17.80 -0.98
N LEU A 181 -4.30 18.16 -1.63
CA LEU A 181 -3.01 18.21 -0.94
C LEU A 181 -2.33 19.57 -1.07
N LYS A 182 -1.60 19.96 -0.03
CA LYS A 182 -0.91 21.25 -0.01
C LYS A 182 0.11 21.32 -1.13
N LYS A 183 -0.02 22.32 -1.98
CA LYS A 183 0.81 22.46 -3.16
C LYS A 183 2.28 22.71 -2.81
N GLU A 184 2.51 23.16 -1.58
CA GLU A 184 3.86 23.42 -1.09
C GLU A 184 4.70 22.14 -1.01
N VAL A 185 4.04 20.99 -1.04
CA VAL A 185 4.72 19.70 -0.98
C VAL A 185 5.63 19.48 -2.19
N ILE A 186 5.16 19.91 -3.35
CA ILE A 186 5.96 19.84 -4.58
C ILE A 186 5.72 21.04 -5.48
N SER A 205 -2.70 2.06 -17.81
CA SER A 205 -2.83 3.22 -16.94
C SER A 205 -3.94 3.00 -15.91
N ARG A 206 -4.85 2.08 -16.21
CA ARG A 206 -5.97 1.80 -15.32
C ARG A 206 -6.20 0.29 -15.17
N HIS A 207 -6.56 -0.12 -13.96
CA HIS A 207 -6.77 -1.53 -13.66
C HIS A 207 -8.20 -1.74 -13.15
N PRO A 208 -8.81 -2.88 -13.52
CA PRO A 208 -10.16 -3.25 -13.10
C PRO A 208 -10.43 -3.13 -11.61
N PHE A 209 -9.42 -3.39 -10.79
CA PHE A 209 -9.61 -3.53 -9.36
C PHE A 209 -8.84 -2.50 -8.54
N LEU A 210 -8.52 -1.38 -9.18
CA LEU A 210 -7.88 -0.26 -8.51
C LEU A 210 -8.76 0.98 -8.66
N THR A 211 -8.87 1.77 -7.59
CA THR A 211 -9.62 3.01 -7.65
C THR A 211 -8.92 3.96 -8.62
N ALA A 212 -9.50 4.11 -9.81
CA ALA A 212 -8.87 4.87 -10.88
C ALA A 212 -8.78 6.36 -10.57
N LEU A 213 -7.63 6.96 -10.88
CA LEU A 213 -7.47 8.40 -10.81
C LEU A 213 -8.07 9.03 -12.06
N LYS A 214 -9.18 9.73 -11.90
CA LYS A 214 -9.91 10.25 -13.05
C LYS A 214 -9.49 11.66 -13.43
N TYR A 215 -9.35 12.54 -12.45
CA TYR A 215 -8.95 13.92 -12.71
C TYR A 215 -7.79 14.35 -11.83
N SER A 216 -7.03 15.33 -12.29
CA SER A 216 -6.01 15.96 -11.48
C SER A 216 -5.81 17.42 -11.91
N PHE A 217 -6.09 18.34 -11.00
CA PHE A 217 -5.98 19.76 -11.30
C PHE A 217 -5.38 20.51 -10.11
N GLN A 218 -5.04 21.78 -10.31
CA GLN A 218 -4.40 22.56 -9.27
C GLN A 218 -5.18 23.82 -8.92
N THR A 219 -4.95 24.32 -7.70
CA THR A 219 -5.47 25.62 -7.29
C THR A 219 -4.27 26.50 -6.97
N HIS A 220 -4.53 27.65 -6.34
CA HIS A 220 -3.44 28.56 -6.00
C HIS A 220 -2.58 28.02 -4.86
N ASP A 221 -3.16 27.15 -4.03
CA ASP A 221 -2.47 26.69 -2.84
C ASP A 221 -2.55 25.17 -2.61
N ARG A 222 -3.47 24.51 -3.31
CA ARG A 222 -3.62 23.07 -3.13
C ARG A 222 -3.75 22.27 -4.43
N LEU A 223 -3.49 20.96 -4.33
CA LEU A 223 -3.45 20.08 -5.48
C LEU A 223 -4.48 18.94 -5.34
N CYS A 224 -5.36 18.82 -6.33
CA CYS A 224 -6.50 17.90 -6.20
C CYS A 224 -6.40 16.65 -7.08
N PHE A 225 -6.79 15.52 -6.51
CA PHE A 225 -6.85 14.25 -7.23
C PHE A 225 -8.25 13.63 -7.12
N VAL A 226 -8.98 13.61 -8.23
CA VAL A 226 -10.33 13.04 -8.25
C VAL A 226 -10.30 11.56 -8.59
N MET A 227 -10.67 10.72 -7.62
CA MET A 227 -10.58 9.28 -7.78
C MET A 227 -11.95 8.61 -7.67
N GLU A 228 -12.11 7.50 -8.37
CA GLU A 228 -13.36 6.73 -8.32
C GLU A 228 -13.65 6.25 -6.91
N TYR A 229 -14.91 6.28 -6.52
CA TYR A 229 -15.32 5.84 -5.20
C TYR A 229 -16.42 4.78 -5.30
N ALA A 230 -16.07 3.56 -4.88
CA ALA A 230 -17.00 2.43 -4.95
C ALA A 230 -18.23 2.66 -4.08
N ASN A 231 -19.37 2.18 -4.54
CA ASN A 231 -20.63 2.39 -3.84
C ASN A 231 -21.30 1.09 -3.38
N GLY A 232 -20.52 0.02 -3.35
CA GLY A 232 -21.00 -1.27 -2.89
C GLY A 232 -20.55 -1.58 -1.47
N GLY A 233 -20.21 -0.53 -0.74
CA GLY A 233 -19.81 -0.67 0.65
C GLY A 233 -18.39 -1.15 0.84
N GLU A 234 -17.92 -1.08 2.08
CA GLU A 234 -16.58 -1.54 2.42
C GLU A 234 -16.58 -3.03 2.71
N LEU A 235 -15.53 -3.72 2.26
CA LEU A 235 -15.46 -5.17 2.39
C LEU A 235 -15.32 -5.60 3.85
N PHE A 236 -14.73 -4.75 4.69
CA PHE A 236 -14.56 -5.04 6.10
C PHE A 236 -15.92 -5.21 6.79
N PHE A 237 -16.84 -4.31 6.47
CA PHE A 237 -18.19 -4.37 7.02
C PHE A 237 -18.95 -5.58 6.48
N HIS A 238 -18.76 -5.87 5.20
CA HIS A 238 -19.37 -7.03 4.57
C HIS A 238 -18.95 -8.31 5.28
N LEU A 239 -17.67 -8.39 5.61
CA LEU A 239 -17.17 -9.55 6.35
C LEU A 239 -17.80 -9.57 7.73
N SER A 240 -18.03 -8.41 8.32
CA SER A 240 -18.58 -8.32 9.67
C SER A 240 -20.03 -8.80 9.74
N ARG A 241 -20.77 -8.66 8.66
CA ARG A 241 -22.17 -9.11 8.64
C ARG A 241 -22.25 -10.61 8.50
N GLU A 242 -21.38 -11.17 7.66
CA GLU A 242 -21.34 -12.62 7.49
C GLU A 242 -20.42 -13.27 8.51
N ARG A 243 -19.49 -12.48 9.04
CA ARG A 243 -18.54 -12.91 10.07
C ARG A 243 -17.58 -14.02 9.63
N VAL A 244 -17.75 -14.45 8.37
CA VAL A 244 -16.88 -15.45 7.77
C VAL A 244 -17.23 -15.60 6.28
N PHE A 245 -16.26 -15.95 5.45
CA PHE A 245 -16.50 -16.10 4.02
C PHE A 245 -16.20 -17.51 3.54
N SER A 246 -17.03 -17.99 2.61
CA SER A 246 -16.82 -19.29 1.99
C SER A 246 -15.51 -19.30 1.22
N GLU A 247 -14.91 -20.47 1.07
CA GLU A 247 -13.63 -20.61 0.38
C GLU A 247 -13.70 -20.07 -1.04
N ASP A 248 -14.85 -20.30 -1.70
CA ASP A 248 -15.06 -19.81 -3.06
C ASP A 248 -15.07 -18.29 -3.10
N ARG A 249 -15.82 -17.68 -2.19
CA ARG A 249 -15.92 -16.22 -2.14
C ARG A 249 -14.57 -15.58 -1.85
N ALA A 250 -13.84 -16.16 -0.90
CA ALA A 250 -12.51 -15.68 -0.57
C ALA A 250 -11.55 -15.90 -1.74
N ARG A 251 -11.78 -16.99 -2.48
CA ARG A 251 -10.97 -17.29 -3.66
C ARG A 251 -11.22 -16.25 -4.74
N PHE A 252 -12.48 -15.85 -4.88
CA PHE A 252 -12.86 -14.79 -5.82
C PHE A 252 -12.14 -13.50 -5.46
N TYR A 253 -12.32 -13.08 -4.21
CA TYR A 253 -11.75 -11.83 -3.72
C TYR A 253 -10.22 -11.82 -3.80
N GLY A 254 -9.61 -12.92 -3.38
CA GLY A 254 -8.16 -13.03 -3.42
C GLY A 254 -7.61 -12.96 -4.83
N ALA A 255 -8.31 -13.62 -5.76
CA ALA A 255 -7.88 -13.66 -7.15
C ALA A 255 -7.78 -12.27 -7.75
N GLU A 256 -8.84 -11.47 -7.59
CA GLU A 256 -8.89 -10.12 -8.14
C GLU A 256 -7.77 -9.25 -7.56
N ILE A 257 -7.38 -9.54 -6.32
CA ILE A 257 -6.28 -8.83 -5.67
C ILE A 257 -4.94 -9.25 -6.26
N VAL A 258 -4.76 -10.56 -6.44
CA VAL A 258 -3.56 -11.12 -7.04
C VAL A 258 -3.28 -10.48 -8.39
N SER A 259 -4.34 -10.33 -9.19
CA SER A 259 -4.25 -9.66 -10.49
C SER A 259 -3.81 -8.21 -10.33
N ALA A 260 -4.34 -7.55 -9.31
CA ALA A 260 -4.04 -6.14 -9.05
C ALA A 260 -2.62 -5.96 -8.54
N LEU A 261 -2.21 -6.80 -7.60
CA LEU A 261 -0.86 -6.78 -7.05
C LEU A 261 0.15 -7.05 -8.16
N ASP A 262 -0.21 -7.94 -9.08
CA ASP A 262 0.64 -8.26 -10.22
C ASP A 262 0.83 -7.05 -11.11
N TYR A 263 -0.25 -6.30 -11.31
CA TYR A 263 -0.23 -5.07 -12.10
C TYR A 263 0.75 -4.07 -11.51
N LEU A 264 0.56 -3.75 -10.23
CA LEU A 264 1.41 -2.80 -9.52
C LEU A 264 2.88 -3.23 -9.55
N HIS A 265 3.11 -4.52 -9.32
CA HIS A 265 4.47 -5.06 -9.29
C HIS A 265 5.10 -5.11 -10.67
N SER A 266 4.51 -5.89 -11.56
CA SER A 266 5.11 -6.18 -12.86
C SER A 266 5.16 -4.97 -13.80
N GLU A 267 4.15 -4.11 -13.74
CA GLU A 267 4.06 -3.00 -14.67
C GLU A 267 4.40 -1.64 -14.05
N LYS A 268 3.82 -1.36 -12.88
CA LYS A 268 4.05 -0.08 -12.22
C LYS A 268 5.33 -0.08 -11.39
N ASN A 269 5.88 -1.26 -11.16
CA ASN A 269 7.13 -1.41 -10.41
C ASN A 269 7.02 -0.81 -9.02
N VAL A 270 5.99 -1.21 -8.29
CA VAL A 270 5.76 -0.63 -6.97
C VAL A 270 5.06 -1.62 -6.04
N VAL A 271 5.25 -1.42 -4.73
CA VAL A 271 4.60 -2.24 -3.72
C VAL A 271 3.48 -1.46 -3.05
N TYR A 272 2.32 -2.08 -2.90
CA TYR A 272 1.18 -1.42 -2.26
C TYR A 272 1.48 -1.19 -0.78
N ARG A 273 2.06 -2.21 -0.14
CA ARG A 273 2.67 -2.07 1.18
C ARG A 273 1.69 -1.84 2.34
N ASP A 274 0.43 -1.57 2.03
CA ASP A 274 -0.58 -1.38 3.08
C ASP A 274 -1.88 -2.11 2.77
N LEU A 275 -1.76 -3.38 2.40
CA LEU A 275 -2.95 -4.18 2.08
C LEU A 275 -3.64 -4.70 3.33
N LYS A 276 -4.80 -4.14 3.65
CA LYS A 276 -5.60 -4.61 4.77
C LYS A 276 -7.09 -4.55 4.45
N LEU A 277 -7.91 -5.09 5.36
CA LEU A 277 -9.36 -5.15 5.16
C LEU A 277 -9.96 -3.76 4.99
N GLU A 278 -9.44 -2.80 5.76
CA GLU A 278 -9.95 -1.43 5.72
C GLU A 278 -9.73 -0.75 4.38
N ASN A 279 -8.90 -1.33 3.53
CA ASN A 279 -8.60 -0.76 2.23
C ASN A 279 -9.24 -1.50 1.07
N LEU A 280 -10.19 -2.37 1.38
CA LEU A 280 -10.90 -3.12 0.34
C LEU A 280 -12.36 -2.72 0.27
N MET A 281 -12.81 -2.36 -0.93
CA MET A 281 -14.21 -1.99 -1.14
C MET A 281 -14.81 -2.75 -2.31
N LEU A 282 -16.11 -2.61 -2.48
CA LEU A 282 -16.83 -3.30 -3.55
C LEU A 282 -17.55 -2.31 -4.46
N ASP A 283 -17.53 -2.57 -5.76
CA ASP A 283 -18.34 -1.78 -6.69
C ASP A 283 -19.74 -2.36 -6.73
N LYS A 284 -20.61 -1.79 -7.55
CA LYS A 284 -22.00 -2.21 -7.63
C LYS A 284 -22.15 -3.70 -7.97
N ASP A 285 -21.29 -4.19 -8.85
CA ASP A 285 -21.39 -5.59 -9.30
C ASP A 285 -20.91 -6.56 -8.23
N GLY A 286 -19.95 -6.14 -7.42
CA GLY A 286 -19.43 -6.98 -6.35
C GLY A 286 -17.94 -7.23 -6.51
N HIS A 287 -17.37 -6.65 -7.56
CA HIS A 287 -15.93 -6.76 -7.79
C HIS A 287 -15.16 -5.94 -6.76
N ILE A 288 -13.86 -6.18 -6.68
CA ILE A 288 -13.04 -5.55 -5.66
C ILE A 288 -12.40 -4.25 -6.15
N LYS A 289 -12.44 -3.23 -5.29
CA LYS A 289 -11.68 -2.00 -5.51
C LYS A 289 -10.69 -1.78 -4.37
N ILE A 290 -9.40 -1.81 -4.71
CA ILE A 290 -8.37 -1.48 -3.73
C ILE A 290 -8.23 0.03 -3.63
N THR A 291 -8.38 0.57 -2.42
CA THR A 291 -8.44 2.01 -2.22
C THR A 291 -7.07 2.67 -2.19
N ASP A 292 -7.06 3.97 -2.48
CA ASP A 292 -5.85 4.78 -2.46
C ASP A 292 -6.17 6.11 -1.77
N PHE A 293 -6.54 6.02 -0.50
CA PHE A 293 -7.02 7.18 0.25
C PHE A 293 -6.11 7.54 1.42
N GLY A 294 -4.85 7.10 1.36
CA GLY A 294 -3.92 7.30 2.44
C GLY A 294 -3.37 8.72 2.54
N LEU A 295 -3.34 9.25 3.76
CA LEU A 295 -2.72 10.55 4.02
C LEU A 295 -1.51 10.38 4.92
N CYS A 296 -0.70 11.44 5.06
CA CYS A 296 0.43 11.41 5.96
C CYS A 296 0.00 11.76 7.38
N LYS A 297 -0.63 10.80 8.06
CA LYS A 297 -1.04 10.99 9.43
C LYS A 297 0.15 10.83 10.37
N THR A 312 -1.33 0.70 11.90
CA THR A 312 -1.93 -0.42 12.62
C THR A 312 -1.01 -1.64 12.59
N PRO A 313 -0.44 -1.99 13.76
CA PRO A 313 0.58 -3.04 13.90
C PRO A 313 0.09 -4.46 13.63
N GLU A 314 -1.21 -4.62 13.37
CA GLU A 314 -1.79 -5.95 13.21
C GLU A 314 -1.42 -6.59 11.87
N TYR A 315 -1.34 -5.77 10.83
CA TYR A 315 -1.11 -6.27 9.47
C TYR A 315 0.37 -6.27 9.06
N LEU A 316 1.23 -5.82 9.95
CA LEU A 316 2.64 -5.63 9.61
C LEU A 316 3.38 -6.94 9.33
N ALA A 317 4.20 -6.92 8.30
CA ALA A 317 5.05 -8.07 7.95
C ALA A 317 6.29 -8.10 8.84
N PRO A 318 6.81 -9.31 9.11
CA PRO A 318 8.02 -9.48 9.93
C PRO A 318 9.22 -8.73 9.35
N GLU A 319 9.31 -8.69 8.03
CA GLU A 319 10.41 -8.00 7.36
C GLU A 319 10.32 -6.49 7.54
N VAL A 320 9.10 -5.97 7.57
CA VAL A 320 8.88 -4.54 7.74
C VAL A 320 9.11 -4.15 9.20
N LEU A 321 8.93 -5.11 10.10
CA LEU A 321 9.11 -4.89 11.53
C LEU A 321 10.54 -4.49 11.84
N GLU A 322 11.50 -5.25 11.32
CA GLU A 322 12.91 -5.02 11.59
C GLU A 322 13.47 -3.87 10.73
N ASP A 323 12.62 -3.36 9.84
CA ASP A 323 13.00 -2.30 8.91
C ASP A 323 14.20 -2.69 8.05
N ASN A 324 14.17 -3.90 7.52
CA ASN A 324 15.24 -4.37 6.63
C ASN A 324 14.74 -4.99 5.33
N ASP A 325 15.17 -4.40 4.22
CA ASP A 325 14.97 -4.95 2.88
C ASP A 325 13.59 -5.51 2.57
N TYR A 326 12.57 -4.66 2.68
CA TYR A 326 11.24 -5.09 2.29
C TYR A 326 11.14 -5.09 0.76
N GLY A 327 10.28 -5.93 0.22
CA GLY A 327 10.12 -6.03 -1.22
C GLY A 327 8.70 -6.38 -1.60
N ARG A 328 8.55 -7.02 -2.76
CA ARG A 328 7.23 -7.39 -3.25
C ARG A 328 6.53 -8.38 -2.33
N ALA A 329 7.34 -9.08 -1.54
CA ALA A 329 6.83 -10.10 -0.61
C ALA A 329 5.92 -9.50 0.47
N VAL A 330 6.07 -8.21 0.71
CA VAL A 330 5.24 -7.50 1.70
C VAL A 330 3.76 -7.59 1.34
N ASP A 331 3.46 -7.41 0.06
CA ASP A 331 2.09 -7.50 -0.44
C ASP A 331 1.53 -8.91 -0.31
N TRP A 332 2.41 -9.90 -0.35
CA TRP A 332 2.00 -11.30 -0.32
C TRP A 332 1.72 -11.73 1.12
N TRP A 333 2.47 -11.16 2.05
CA TRP A 333 2.20 -11.36 3.46
C TRP A 333 0.84 -10.76 3.79
N GLY A 334 0.63 -9.54 3.32
CA GLY A 334 -0.62 -8.83 3.53
C GLY A 334 -1.81 -9.58 2.98
N LEU A 335 -1.66 -10.13 1.78
CA LEU A 335 -2.71 -10.92 1.15
C LEU A 335 -3.09 -12.11 2.02
N GLY A 336 -2.09 -12.77 2.58
CA GLY A 336 -2.30 -13.91 3.46
C GLY A 336 -3.14 -13.54 4.68
N VAL A 337 -2.81 -12.40 5.28
CA VAL A 337 -3.53 -11.92 6.45
C VAL A 337 -4.99 -11.62 6.12
N VAL A 338 -5.20 -10.94 5.00
CA VAL A 338 -6.54 -10.57 4.57
C VAL A 338 -7.38 -11.81 4.27
N MET A 339 -6.81 -12.76 3.53
CA MET A 339 -7.52 -13.98 3.18
C MET A 339 -7.75 -14.87 4.39
N TYR A 340 -6.89 -14.73 5.40
CA TYR A 340 -7.05 -15.48 6.64
C TYR A 340 -8.33 -15.02 7.35
N GLU A 341 -8.50 -13.71 7.46
CA GLU A 341 -9.66 -13.13 8.15
C GLU A 341 -10.99 -13.52 7.52
N MET A 342 -10.99 -13.72 6.20
CA MET A 342 -12.22 -14.01 5.48
C MET A 342 -12.68 -15.45 5.70
N MET A 343 -11.73 -16.39 5.66
CA MET A 343 -12.05 -17.81 5.78
C MET A 343 -12.05 -18.31 7.23
N CYS A 344 -11.38 -17.58 8.11
CA CYS A 344 -11.30 -17.98 9.51
C CYS A 344 -12.22 -17.13 10.39
N GLY A 345 -12.54 -15.94 9.92
CA GLY A 345 -13.43 -15.05 10.65
C GLY A 345 -12.72 -14.24 11.73
N ARG A 346 -11.46 -14.55 11.98
CA ARG A 346 -10.68 -13.84 12.99
C ARG A 346 -9.30 -13.46 12.47
N LEU A 347 -8.72 -12.42 13.06
CA LEU A 347 -7.36 -12.00 12.74
C LEU A 347 -6.38 -13.10 13.13
N PRO A 348 -5.41 -13.41 12.25
CA PRO A 348 -4.44 -14.48 12.52
C PRO A 348 -3.61 -14.22 13.76
N PHE A 349 -3.10 -13.00 13.90
CA PHE A 349 -2.30 -12.63 15.06
C PHE A 349 -2.91 -11.44 15.77
N TYR A 350 -3.65 -11.68 16.84
CA TYR A 350 -4.27 -10.59 17.58
C TYR A 350 -3.87 -10.56 19.05
N ASN A 351 -3.68 -9.34 19.55
CA ASN A 351 -3.43 -9.09 20.96
C ASN A 351 -3.59 -7.61 21.24
N GLN A 352 -4.22 -7.27 22.36
CA GLN A 352 -4.41 -5.88 22.74
C GLN A 352 -3.07 -5.19 22.91
N ASP A 353 -2.16 -5.84 23.64
CA ASP A 353 -0.79 -5.36 23.77
C ASP A 353 -0.10 -5.39 22.41
N HIS A 354 0.38 -4.24 21.97
CA HIS A 354 1.06 -4.14 20.68
C HIS A 354 2.40 -4.85 20.72
N GLU A 355 3.08 -4.75 21.84
CA GLU A 355 4.42 -5.34 21.99
C GLU A 355 4.35 -6.87 22.00
N LYS A 356 3.29 -7.41 22.57
CA LYS A 356 3.08 -8.85 22.57
C LYS A 356 2.64 -9.32 21.19
N LEU A 357 1.98 -8.45 20.45
CA LEU A 357 1.56 -8.76 19.09
C LEU A 357 2.76 -8.77 18.15
N PHE A 358 3.77 -7.96 18.48
CA PHE A 358 5.00 -7.91 17.71
C PHE A 358 5.80 -9.20 17.90
N GLU A 359 5.84 -9.69 19.13
CA GLU A 359 6.49 -10.96 19.42
C GLU A 359 5.65 -12.12 18.90
N LEU A 360 4.35 -11.88 18.78
CA LEU A 360 3.43 -12.87 18.26
C LEU A 360 3.72 -13.13 16.78
N ILE A 361 3.80 -12.05 16.01
CA ILE A 361 4.03 -12.15 14.57
C ILE A 361 5.36 -12.83 14.26
N LEU A 362 6.42 -12.40 14.93
CA LEU A 362 7.76 -12.90 14.66
C LEU A 362 7.97 -14.33 15.15
N MET A 363 7.59 -14.61 16.38
CA MET A 363 7.93 -15.88 17.02
C MET A 363 6.88 -16.97 16.83
N GLU A 364 5.63 -16.66 17.14
CA GLU A 364 4.57 -17.68 17.17
C GLU A 364 4.31 -18.32 15.81
N GLU A 365 3.89 -19.58 15.84
CA GLU A 365 3.54 -20.32 14.64
C GLU A 365 2.06 -20.15 14.32
N ILE A 366 1.73 -20.17 13.03
CA ILE A 366 0.36 -19.96 12.58
C ILE A 366 -0.57 -21.10 13.01
N ARG A 367 -1.76 -20.75 13.46
CA ARG A 367 -2.74 -21.73 13.88
C ARG A 367 -3.97 -21.70 12.98
N PHE A 368 -4.77 -22.76 13.02
CA PHE A 368 -5.90 -22.89 12.11
C PHE A 368 -7.12 -23.51 12.80
N PRO A 369 -8.33 -23.21 12.31
CA PRO A 369 -9.58 -23.69 12.93
C PRO A 369 -9.84 -25.18 12.73
N ARG A 370 -8.92 -25.88 12.05
CA ARG A 370 -9.05 -27.32 11.82
C ARG A 370 -10.32 -27.67 11.04
N THR A 371 -10.82 -26.72 10.25
CA THR A 371 -12.05 -26.92 9.49
C THR A 371 -11.92 -26.41 8.07
N LEU A 372 -10.68 -26.24 7.63
CA LEU A 372 -10.43 -25.66 6.31
C LEU A 372 -9.87 -26.67 5.33
N GLY A 373 -10.17 -26.46 4.05
CA GLY A 373 -9.59 -27.28 2.99
C GLY A 373 -8.08 -27.08 3.01
N PRO A 374 -7.33 -28.17 2.78
CA PRO A 374 -5.87 -28.15 2.84
C PRO A 374 -5.24 -27.16 1.86
N GLU A 375 -5.90 -26.94 0.72
CA GLU A 375 -5.42 -25.98 -0.26
C GLU A 375 -5.32 -24.59 0.34
N ALA A 376 -6.39 -24.17 1.02
CA ALA A 376 -6.42 -22.87 1.67
C ALA A 376 -5.38 -22.81 2.79
N LYS A 377 -5.29 -23.89 3.56
CA LYS A 377 -4.34 -23.98 4.66
C LYS A 377 -2.91 -23.85 4.15
N SER A 378 -2.63 -24.51 3.02
CA SER A 378 -1.30 -24.48 2.43
C SER A 378 -1.02 -23.12 1.80
N LEU A 379 -2.05 -22.50 1.25
CA LEU A 379 -1.92 -21.18 0.66
C LEU A 379 -1.56 -20.15 1.73
N LEU A 380 -2.32 -20.15 2.83
CA LEU A 380 -2.10 -19.18 3.90
C LEU A 380 -0.77 -19.44 4.59
N SER A 381 -0.40 -20.71 4.72
CA SER A 381 0.88 -21.08 5.32
C SER A 381 2.05 -20.50 4.53
N GLY A 382 1.99 -20.64 3.22
CA GLY A 382 3.02 -20.11 2.35
C GLY A 382 3.06 -18.60 2.33
N LEU A 383 1.89 -17.98 2.52
CA LEU A 383 1.78 -16.53 2.48
C LEU A 383 2.16 -15.87 3.80
N LEU A 384 2.08 -16.62 4.90
CA LEU A 384 2.37 -16.06 6.20
C LEU A 384 3.66 -16.62 6.81
N LYS A 385 4.60 -16.99 5.94
CA LYS A 385 5.92 -17.40 6.40
C LYS A 385 6.76 -16.17 6.70
N LYS A 386 7.68 -16.31 7.64
CA LYS A 386 8.40 -15.17 8.20
C LYS A 386 9.45 -14.60 7.24
N ASP A 387 10.28 -15.47 6.68
CA ASP A 387 11.32 -15.04 5.74
C ASP A 387 10.70 -14.71 4.37
N PRO A 388 10.86 -13.45 3.93
CA PRO A 388 10.27 -12.94 2.68
C PRO A 388 10.66 -13.74 1.43
N LYS A 389 11.85 -14.33 1.41
CA LYS A 389 12.28 -15.09 0.24
C LYS A 389 11.73 -16.53 0.29
N GLN A 390 11.48 -17.01 1.50
CA GLN A 390 10.86 -18.33 1.67
C GLN A 390 9.35 -18.21 1.53
N ARG A 391 8.84 -16.98 1.60
CA ARG A 391 7.40 -16.74 1.55
C ARG A 391 6.86 -16.89 0.12
N LEU A 392 5.66 -17.47 0.01
CA LEU A 392 5.02 -17.72 -1.27
C LEU A 392 4.88 -16.45 -2.11
N GLY A 393 5.47 -16.46 -3.29
CA GLY A 393 5.42 -15.31 -4.17
C GLY A 393 6.58 -14.36 -3.94
N GLY A 394 7.50 -14.76 -3.06
CA GLY A 394 8.65 -13.93 -2.75
C GLY A 394 9.75 -14.07 -3.79
N GLY A 395 9.71 -15.15 -4.56
CA GLY A 395 10.71 -15.42 -5.58
C GLY A 395 10.57 -14.53 -6.81
N SER A 396 11.33 -14.85 -7.84
CA SER A 396 11.37 -14.04 -9.06
C SER A 396 10.07 -14.11 -9.85
N GLU A 397 9.43 -15.28 -9.84
CA GLU A 397 8.15 -15.45 -10.53
C GLU A 397 7.06 -14.56 -9.95
N ASP A 398 7.23 -14.19 -8.68
CA ASP A 398 6.31 -13.30 -7.97
C ASP A 398 4.89 -13.85 -7.92
N ALA A 399 3.96 -13.14 -8.53
CA ALA A 399 2.53 -13.44 -8.42
C ALA A 399 2.16 -14.80 -9.00
N LYS A 400 2.87 -15.21 -10.05
CA LYS A 400 2.56 -16.44 -10.76
C LYS A 400 2.69 -17.68 -9.87
N GLU A 401 3.56 -17.59 -8.87
CA GLU A 401 3.72 -18.68 -7.90
C GLU A 401 2.41 -18.94 -7.19
N ILE A 402 1.66 -17.87 -6.94
CA ILE A 402 0.39 -17.96 -6.25
C ILE A 402 -0.73 -18.33 -7.23
N MET A 403 -0.59 -17.89 -8.47
CA MET A 403 -1.58 -18.18 -9.51
C MET A 403 -1.61 -19.66 -9.88
N GLN A 404 -0.47 -20.33 -9.70
CA GLN A 404 -0.35 -21.74 -10.04
C GLN A 404 -0.73 -22.65 -8.87
N HIS A 405 -1.16 -22.05 -7.76
CA HIS A 405 -1.48 -22.80 -6.56
C HIS A 405 -2.74 -23.64 -6.72
N ARG A 406 -2.81 -24.75 -6.00
CA ARG A 406 -3.95 -25.67 -6.06
C ARG A 406 -5.27 -24.98 -5.73
N PHE A 407 -5.22 -24.04 -4.80
CA PHE A 407 -6.41 -23.29 -4.41
C PHE A 407 -6.87 -22.40 -5.56
N PHE A 408 -5.94 -22.04 -6.44
CA PHE A 408 -6.26 -21.21 -7.59
C PHE A 408 -6.24 -22.01 -8.89
N ALA A 409 -6.15 -23.33 -8.76
CA ALA A 409 -6.30 -24.21 -9.91
C ALA A 409 -7.74 -24.15 -10.38
N GLY A 410 -7.95 -24.29 -11.69
CA GLY A 410 -9.29 -24.26 -12.24
C GLY A 410 -9.79 -22.84 -12.45
N ILE A 411 -8.95 -21.87 -12.12
CA ILE A 411 -9.28 -20.47 -12.38
C ILE A 411 -8.45 -19.91 -13.53
N VAL A 412 -9.14 -19.52 -14.60
CA VAL A 412 -8.49 -18.86 -15.72
C VAL A 412 -8.26 -17.38 -15.39
N TRP A 413 -7.00 -16.97 -15.36
CA TRP A 413 -6.63 -15.65 -14.84
C TRP A 413 -6.84 -14.50 -15.80
N GLN A 414 -6.82 -14.78 -17.10
CA GLN A 414 -7.09 -13.75 -18.08
C GLN A 414 -8.54 -13.30 -17.94
N HIS A 415 -9.40 -14.24 -17.58
CA HIS A 415 -10.81 -13.96 -17.33
C HIS A 415 -10.99 -13.14 -16.04
N VAL A 416 -10.09 -13.34 -15.08
CA VAL A 416 -10.13 -12.58 -13.83
C VAL A 416 -9.94 -11.09 -14.11
N TYR A 417 -8.93 -10.78 -14.91
CA TYR A 417 -8.63 -9.40 -15.29
C TYR A 417 -9.75 -8.79 -16.12
N GLU A 418 -10.43 -9.62 -16.91
CA GLU A 418 -11.49 -9.14 -17.78
C GLU A 418 -12.86 -9.14 -17.10
N LYS A 419 -12.84 -9.25 -15.77
CA LYS A 419 -14.06 -9.26 -14.96
C LYS A 419 -15.05 -10.35 -15.38
N LYS A 420 -14.54 -11.39 -16.04
CA LYS A 420 -15.39 -12.48 -16.53
C LYS A 420 -15.88 -13.35 -15.38
N LEU A 421 -15.21 -13.25 -14.23
CA LEU A 421 -15.61 -13.98 -13.04
C LEU A 421 -16.92 -13.44 -12.46
N SER A 422 -17.89 -14.34 -12.29
CA SER A 422 -19.17 -13.95 -11.73
C SER A 422 -19.07 -13.80 -10.23
N PRO A 423 -19.31 -12.57 -9.72
CA PRO A 423 -19.21 -12.25 -8.30
C PRO A 423 -20.15 -13.09 -7.43
N PRO A 424 -19.62 -13.73 -6.38
CA PRO A 424 -20.38 -14.59 -5.47
C PRO A 424 -21.37 -13.80 -4.62
N PHE A 425 -21.18 -12.48 -4.57
CA PHE A 425 -22.06 -11.61 -3.77
C PHE A 425 -22.43 -10.34 -4.53
N LYS A 426 -23.72 -10.13 -4.70
CA LYS A 426 -24.22 -8.90 -5.31
C LYS A 426 -24.61 -7.91 -4.23
N PRO A 427 -23.85 -6.82 -4.10
CA PRO A 427 -24.16 -5.76 -3.14
C PRO A 427 -25.56 -5.22 -3.38
N GLN A 428 -26.28 -4.89 -2.30
CA GLN A 428 -27.65 -4.44 -2.43
C GLN A 428 -27.69 -3.01 -2.93
N VAL A 429 -27.60 -2.85 -4.24
CA VAL A 429 -27.45 -1.55 -4.87
C VAL A 429 -28.29 -1.44 -6.14
N THR A 430 -29.08 -0.38 -6.24
CA THR A 430 -29.94 -0.17 -7.39
C THR A 430 -29.13 0.23 -8.62
N SER A 431 -28.18 1.14 -8.42
CA SER A 431 -27.35 1.61 -9.51
C SER A 431 -26.05 2.24 -9.02
N GLU A 432 -25.19 2.59 -9.96
CA GLU A 432 -23.90 3.24 -9.69
C GLU A 432 -24.00 4.40 -8.71
N THR A 433 -25.14 5.09 -8.73
CA THR A 433 -25.33 6.29 -7.93
C THR A 433 -26.09 6.05 -6.63
N ASP A 434 -26.42 4.78 -6.35
CA ASP A 434 -27.11 4.43 -5.12
C ASP A 434 -26.25 4.77 -3.90
N THR A 435 -26.85 5.41 -2.92
CA THR A 435 -26.11 5.93 -1.76
C THR A 435 -26.44 5.20 -0.46
N ARG A 436 -26.79 3.92 -0.55
CA ARG A 436 -27.20 3.17 0.63
C ARG A 436 -26.05 2.85 1.58
N TYR A 437 -24.91 2.45 1.00
CA TYR A 437 -23.79 1.94 1.80
C TYR A 437 -22.94 3.04 2.44
N PHE A 438 -23.49 4.25 2.52
CA PHE A 438 -22.75 5.37 3.11
C PHE A 438 -23.16 5.58 4.57
N ASP A 439 -23.99 4.69 5.09
CA ASP A 439 -24.42 4.76 6.48
C ASP A 439 -23.48 3.97 7.38
#